data_3BEC
#
_entry.id   3BEC
#
_cell.length_a   109.500
_cell.length_b   50.500
_cell.length_c   85.400
_cell.angle_alpha   90.00
_cell.angle_beta   121.10
_cell.angle_gamma   90.00
#
_symmetry.space_group_name_H-M   'C 1 2 1'
#
loop_
_entity.id
_entity.type
_entity.pdbx_description
1 polymer 'Penicillin-binding protein 5'
2 non-polymer GLYCEROL
3 non-polymer '(2R)-2-[(R)-{[(6S)-6-amino-6-carboxyhexanoyl]amino}(carboxy)methyl]-5-methyl-3,6-dihydro-2H-1,3-thiazine-4-carboxylic acid'
4 water water
#
_entity_poly.entity_id   1
_entity_poly.type   'polypeptide(L)'
_entity_poly.pdbx_seq_one_letter_code
;DDLNIKTMIPGVPQIDAESYILIDYNSGKVLAEQNADVRRDPASLTKMMTSYVIGQAMKAGKFKETDLVTIGNDAWATGN
PVFKGSSLMFLKPGMQVPVSQLIRGINLQSGNDACVAMADFAAGSQDAFVGLMNSYVNALGLKNTHFQTVHGLDADGQYS
SARDMALIGQALIRDVPNEYSIYKEKEFTFNGIRQLNRNGLLWDNSLNVDGIKTGHTDKAGYNLVASATEGQMRLISAVM
GGRTFKGREAESKKLLTWGFRFFETVNPLKVGKEFASEPVWFGDSDRASLGVDKDVYLTIPRGRMKDLKASYVLNSSELH
APLQKNQVVGTINFQLDGKTIEQRPLVVLQEIPEGNFGDPVID
;
_entity_poly.pdbx_strand_id   A
#
loop_
_chem_comp.id
_chem_comp.type
_chem_comp.name
_chem_comp.formula
GOL non-polymer GLYCEROL 'C3 H8 O3'
HJ2 non-polymer '(2R)-2-[(R)-{[(6S)-6-amino-6-carboxyhexanoyl]amino}(carboxy)methyl]-5-methyl-3,6-dihydro-2H-1,3-thiazine-4-carboxylic acid' 'C15 H23 N3 O7 S'
#
# COMPACT_ATOMS: atom_id res chain seq x y z
N ASN A 4 26.39 1.22 23.38
CA ASN A 4 25.24 2.14 23.69
C ASN A 4 24.71 2.85 22.45
N ILE A 5 25.63 3.37 21.63
CA ILE A 5 25.24 4.00 20.37
C ILE A 5 24.82 2.92 19.36
N LYS A 6 25.62 1.87 19.23
CA LYS A 6 25.34 0.80 18.25
C LYS A 6 23.96 0.20 18.46
N THR A 7 23.58 0.01 19.71
CA THR A 7 22.32 -0.64 20.06
C THR A 7 21.19 0.33 20.42
N MET A 8 21.37 1.63 20.15
CA MET A 8 20.36 2.60 20.58
C MET A 8 19.05 2.37 19.83
N ILE A 9 17.96 2.51 20.56
CA ILE A 9 16.61 2.52 19.99
C ILE A 9 16.15 3.98 19.91
N PRO A 10 15.92 4.50 18.70
CA PRO A 10 15.56 5.92 18.64
C PRO A 10 14.19 6.23 19.21
N GLY A 11 14.05 7.42 19.80
CA GLY A 11 12.77 7.90 20.26
C GLY A 11 11.92 8.34 19.09
N VAL A 12 10.61 8.12 19.18
CA VAL A 12 9.69 8.48 18.12
C VAL A 12 9.31 9.95 18.32
N PRO A 13 9.21 10.72 17.22
CA PRO A 13 8.82 12.11 17.40
C PRO A 13 7.35 12.23 17.87
N GLN A 14 7.00 13.33 18.52
CA GLN A 14 5.60 13.59 18.86
C GLN A 14 4.86 13.97 17.58
N ILE A 15 3.69 13.36 17.36
CA ILE A 15 2.92 13.56 16.16
C ILE A 15 1.53 14.10 16.51
N ASP A 16 1.19 15.25 15.93
CA ASP A 16 -0.06 15.94 16.24
C ASP A 16 -1.20 15.37 15.37
N ALA A 17 -1.65 14.17 15.73
CA ALA A 17 -2.75 13.51 15.02
C ALA A 17 -3.33 12.42 15.88
N GLU A 18 -4.59 12.08 15.61
CA GLU A 18 -5.29 11.08 16.38
C GLU A 18 -4.66 9.69 16.24
N SER A 19 -4.27 9.33 15.02
CA SER A 19 -3.61 8.05 14.82
C SER A 19 -2.60 8.14 13.68
N TYR A 20 -1.61 7.25 13.71
CA TYR A 20 -0.64 7.19 12.65
C TYR A 20 0.07 5.86 12.63
N ILE A 21 0.71 5.61 11.51
CA ILE A 21 1.58 4.47 11.37
C ILE A 21 2.62 4.83 10.32
N LEU A 22 3.79 4.21 10.46
CA LEU A 22 4.88 4.31 9.50
C LEU A 22 5.37 2.88 9.26
N ILE A 23 5.32 2.43 8.01
CA ILE A 23 5.76 1.10 7.62
C ILE A 23 6.78 1.14 6.47
N ASP A 24 7.60 0.09 6.41
CA ASP A 24 8.50 -0.14 5.29
C ASP A 24 7.71 -0.92 4.25
N TYR A 25 7.64 -0.37 3.05
CA TYR A 25 6.90 -0.98 1.96
C TYR A 25 7.35 -2.41 1.65
N ASN A 26 8.66 -2.64 1.65
CA ASN A 26 9.19 -3.91 1.21
C ASN A 26 9.15 -5.02 2.27
N SER A 27 9.51 -4.64 3.49
CA SER A 27 9.59 -5.60 4.60
C SER A 27 8.28 -5.72 5.35
N GLY A 28 7.44 -4.70 5.28
CA GLY A 28 6.21 -4.67 6.06
C GLY A 28 6.41 -4.25 7.52
N LYS A 29 7.66 -3.97 7.90
CA LYS A 29 7.97 -3.65 9.28
C LYS A 29 7.26 -2.38 9.68
N VAL A 30 6.62 -2.40 10.85
CA VAL A 30 6.04 -1.21 11.45
C VAL A 30 7.11 -0.50 12.27
N LEU A 31 7.48 0.71 11.84
CA LEU A 31 8.56 1.47 12.49
C LEU A 31 8.07 2.33 13.64
N ALA A 32 6.84 2.79 13.53
CA ALA A 32 6.21 3.58 14.57
C ALA A 32 4.70 3.53 14.39
N GLU A 33 3.98 3.60 15.51
CA GLU A 33 2.51 3.61 15.46
C GLU A 33 1.88 4.19 16.69
N GLN A 34 0.71 4.80 16.49
CA GLN A 34 -0.15 5.22 17.60
C GLN A 34 -1.61 5.06 17.16
N ASN A 35 -2.40 4.35 17.95
CA ASN A 35 -3.83 4.14 17.67
C ASN A 35 -4.09 3.68 16.23
N ALA A 36 -3.22 2.79 15.74
CA ALA A 36 -3.17 2.45 14.31
C ALA A 36 -4.34 1.56 13.86
N ASP A 37 -5.02 0.92 14.81
CA ASP A 37 -6.16 0.06 14.52
C ASP A 37 -7.51 0.67 14.90
N VAL A 38 -7.50 1.89 15.43
CA VAL A 38 -8.72 2.59 15.80
C VAL A 38 -9.50 2.89 14.52
N ARG A 39 -10.79 2.54 14.53
CA ARG A 39 -11.68 2.80 13.39
C ARG A 39 -12.06 4.27 13.32
N ARG A 40 -11.87 4.87 12.15
CA ARG A 40 -12.09 6.30 11.93
C ARG A 40 -12.72 6.56 10.55
N ASP A 41 -13.20 7.79 10.36
CA ASP A 41 -13.74 8.25 9.08
C ASP A 41 -12.55 8.39 8.13
N PRO A 42 -12.56 7.66 7.02
CA PRO A 42 -11.44 7.80 6.06
C PRO A 42 -11.51 9.04 5.18
N ALA A 43 -12.68 9.68 5.11
CA ALA A 43 -12.87 10.78 4.17
C ALA A 43 -12.45 10.29 2.75
N SER A 44 -11.76 11.15 1.98
CA SER A 44 -11.44 10.81 0.58
C SER A 44 -10.41 9.67 0.46
N LEU A 45 -9.82 9.22 1.58
CA LEU A 45 -8.92 8.05 1.48
C LEU A 45 -9.68 6.83 0.97
N THR A 46 -11.00 6.81 1.13
CA THR A 46 -11.83 5.76 0.50
C THR A 46 -11.51 5.60 -0.97
N LYS A 47 -11.24 6.73 -1.64
CA LYS A 47 -10.94 6.69 -3.07
C LYS A 47 -9.63 5.97 -3.41
N MET A 48 -8.77 5.72 -2.41
CA MET A 48 -7.64 4.82 -2.66
C MET A 48 -8.12 3.42 -3.05
N MET A 49 -9.16 2.92 -2.40
CA MET A 49 -9.66 1.59 -2.75
C MET A 49 -10.43 1.63 -4.06
N THR A 50 -11.10 2.74 -4.34
CA THR A 50 -11.74 2.91 -5.64
C THR A 50 -10.70 2.78 -6.76
N SER A 51 -9.59 3.49 -6.60
CA SER A 51 -8.45 3.41 -7.49
C SER A 51 -7.84 2.01 -7.59
N TYR A 52 -7.74 1.31 -6.46
CA TYR A 52 -7.19 -0.04 -6.45
C TYR A 52 -8.05 -0.97 -7.31
N VAL A 53 -9.37 -0.89 -7.16
CA VAL A 53 -10.28 -1.73 -7.97
C VAL A 53 -10.16 -1.45 -9.46
N ILE A 54 -10.23 -0.18 -9.81
CA ILE A 54 -10.01 0.25 -11.20
C ILE A 54 -8.63 -0.21 -11.73
N GLY A 55 -7.59 -0.06 -10.92
CA GLY A 55 -6.26 -0.53 -11.31
C GLY A 55 -6.22 -2.01 -11.62
N GLN A 56 -6.90 -2.80 -10.78
CA GLN A 56 -6.97 -4.26 -10.95
C GLN A 56 -7.72 -4.59 -12.25
N ALA A 57 -8.78 -3.83 -12.54
CA ALA A 57 -9.58 -4.06 -13.75
C ALA A 57 -8.73 -3.78 -14.99
N MET A 58 -7.95 -2.70 -14.97
CA MET A 58 -7.12 -2.35 -16.11
C MET A 58 -5.95 -3.31 -16.27
N LYS A 59 -5.35 -3.72 -15.16
CA LYS A 59 -4.31 -4.73 -15.17
C LYS A 59 -4.79 -6.05 -15.78
N ALA A 60 -6.08 -6.36 -15.57
CA ALA A 60 -6.70 -7.58 -16.09
C ALA A 60 -7.15 -7.41 -17.54
N GLY A 61 -6.96 -6.21 -18.10
CA GLY A 61 -7.34 -5.92 -19.48
C GLY A 61 -8.82 -5.72 -19.73
N LYS A 62 -9.59 -5.42 -18.69
CA LYS A 62 -11.03 -5.21 -18.85
C LYS A 62 -11.35 -3.95 -19.65
N PHE A 63 -10.48 -2.96 -19.53
CA PHE A 63 -10.56 -1.73 -20.32
C PHE A 63 -9.25 -0.97 -20.31
N LYS A 64 -9.14 0.01 -21.21
CA LYS A 64 -7.93 0.78 -21.46
C LYS A 64 -8.14 2.26 -21.14
N GLU A 65 -7.03 2.98 -20.95
CA GLU A 65 -7.09 4.40 -20.60
C GLU A 65 -7.72 5.28 -21.67
N THR A 66 -7.64 4.84 -22.93
CA THR A 66 -8.22 5.56 -24.06
C THR A 66 -9.71 5.30 -24.29
N ASP A 67 -10.28 4.31 -23.59
CA ASP A 67 -11.70 3.99 -23.76
C ASP A 67 -12.57 5.13 -23.27
N LEU A 68 -13.64 5.41 -24.01
CA LEU A 68 -14.58 6.47 -23.65
C LEU A 68 -15.70 5.97 -22.75
N VAL A 69 -15.92 6.73 -21.68
CA VAL A 69 -16.95 6.43 -20.70
C VAL A 69 -18.08 7.43 -20.85
N THR A 70 -19.30 6.93 -21.01
CA THR A 70 -20.46 7.81 -21.11
C THR A 70 -21.00 8.10 -19.70
N ILE A 71 -21.22 9.37 -19.45
CA ILE A 71 -21.63 9.83 -18.14
C ILE A 71 -23.15 9.70 -18.09
N GLY A 72 -23.65 9.05 -17.03
CA GLY A 72 -25.07 8.90 -16.79
C GLY A 72 -25.55 9.87 -15.73
N ASN A 73 -26.86 9.88 -15.50
CA ASN A 73 -27.46 10.79 -14.54
C ASN A 73 -26.91 10.64 -13.13
N ASP A 74 -26.48 9.43 -12.77
CA ASP A 74 -25.91 9.24 -11.44
C ASP A 74 -24.57 9.96 -11.20
N ALA A 75 -23.86 10.33 -12.28
CA ALA A 75 -22.57 11.01 -12.17
C ALA A 75 -22.65 12.46 -12.58
N TRP A 76 -23.86 12.93 -12.78
CA TRP A 76 -24.14 14.34 -13.09
C TRP A 76 -23.93 15.15 -11.81
N ALA A 77 -22.86 15.95 -11.82
CA ALA A 77 -22.39 16.64 -10.62
C ALA A 77 -23.46 17.55 -10.04
N THR A 78 -24.11 18.34 -10.87
CA THR A 78 -25.10 19.29 -10.38
C THR A 78 -26.53 18.72 -10.41
N GLY A 79 -26.67 17.42 -10.68
CA GLY A 79 -27.98 16.77 -10.58
C GLY A 79 -28.17 15.90 -9.35
N ASN A 80 -27.18 15.93 -8.45
CA ASN A 80 -27.17 15.09 -7.27
C ASN A 80 -26.63 15.86 -6.06
N PRO A 81 -27.52 16.51 -5.29
CA PRO A 81 -27.07 17.32 -4.15
C PRO A 81 -26.25 16.59 -3.07
N VAL A 82 -26.19 15.25 -3.10
CA VAL A 82 -25.23 14.53 -2.26
C VAL A 82 -23.81 15.05 -2.46
N PHE A 83 -23.54 15.56 -3.68
CA PHE A 83 -22.24 16.08 -4.05
C PHE A 83 -21.96 17.51 -3.54
N LYS A 84 -22.95 18.15 -2.92
CA LYS A 84 -22.81 19.53 -2.45
C LYS A 84 -21.60 19.73 -1.54
N GLY A 85 -20.75 20.68 -1.90
CA GLY A 85 -19.58 21.04 -1.11
C GLY A 85 -18.38 20.10 -1.26
N SER A 86 -18.49 19.12 -2.14
CA SER A 86 -17.44 18.15 -2.39
C SER A 86 -16.67 18.44 -3.68
N SER A 87 -15.55 17.75 -3.86
CA SER A 87 -14.70 17.91 -5.02
C SER A 87 -15.38 17.24 -6.22
N LEU A 88 -15.41 17.93 -7.35
CA LEU A 88 -16.13 17.48 -8.55
C LEU A 88 -15.43 17.86 -9.87
N MET A 89 -15.54 17.00 -10.89
CA MET A 89 -15.16 17.32 -12.27
C MET A 89 -16.22 18.13 -13.04
N PHE A 90 -17.44 18.14 -12.52
CA PHE A 90 -18.60 18.75 -13.17
C PHE A 90 -18.96 18.01 -14.47
N LEU A 91 -19.01 16.69 -14.33
CA LEU A 91 -19.48 15.84 -15.39
C LEU A 91 -20.97 16.05 -15.59
N LYS A 92 -21.42 15.91 -16.85
CA LYS A 92 -22.82 16.06 -17.20
C LYS A 92 -23.24 14.88 -18.07
N PRO A 93 -24.51 14.45 -17.97
CA PRO A 93 -24.94 13.28 -18.76
C PRO A 93 -24.67 13.45 -20.24
N GLY A 94 -24.26 12.34 -20.87
CA GLY A 94 -23.99 12.33 -22.28
C GLY A 94 -22.57 12.73 -22.66
N MET A 95 -21.79 13.28 -21.73
CA MET A 95 -20.37 13.50 -22.00
C MET A 95 -19.74 12.15 -22.28
N GLN A 96 -18.70 12.14 -23.13
CA GLN A 96 -17.91 10.93 -23.36
C GLN A 96 -16.48 11.27 -23.00
N VAL A 97 -16.03 10.75 -21.86
CA VAL A 97 -14.76 11.11 -21.27
C VAL A 97 -13.83 9.91 -21.24
N PRO A 98 -12.57 10.09 -21.66
CA PRO A 98 -11.65 8.97 -21.59
C PRO A 98 -11.41 8.51 -20.16
N VAL A 99 -11.27 7.20 -19.98
CA VAL A 99 -10.84 6.62 -18.70
C VAL A 99 -9.65 7.40 -18.09
N SER A 100 -8.64 7.70 -18.90
CA SER A 100 -7.46 8.46 -18.46
C SER A 100 -7.78 9.76 -17.73
N GLN A 101 -8.82 10.46 -18.19
CA GLN A 101 -9.21 11.71 -17.57
C GLN A 101 -9.99 11.46 -16.29
N LEU A 102 -10.88 10.47 -16.32
CA LEU A 102 -11.69 10.14 -15.14
C LEU A 102 -10.84 9.62 -13.99
N ILE A 103 -9.86 8.76 -14.28
CA ILE A 103 -8.99 8.25 -13.21
C ILE A 103 -8.09 9.34 -12.63
N ARG A 104 -7.73 10.34 -13.42
CA ARG A 104 -7.05 11.50 -12.86
C ARG A 104 -7.99 12.37 -12.06
N GLY A 105 -9.26 12.47 -12.48
CA GLY A 105 -10.30 13.11 -11.67
C GLY A 105 -10.41 12.47 -10.29
N ILE A 106 -10.37 11.14 -10.24
CA ILE A 106 -10.47 10.44 -8.96
C ILE A 106 -9.18 10.63 -8.17
N ASN A 107 -8.05 10.32 -8.80
CA ASN A 107 -6.76 10.25 -8.11
C ASN A 107 -6.18 11.59 -7.66
N LEU A 108 -6.25 12.57 -8.55
CA LEU A 108 -5.67 13.90 -8.31
C LEU A 108 -6.64 14.87 -7.64
N GLN A 109 -7.89 14.84 -8.09
CA GLN A 109 -8.91 15.82 -7.69
C GLN A 109 -9.88 15.26 -6.64
N SER A 110 -9.86 13.94 -6.41
CA SER A 110 -10.91 13.28 -5.62
C SER A 110 -12.31 13.65 -6.07
N GLY A 111 -12.51 13.62 -7.39
CA GLY A 111 -13.78 13.93 -8.01
C GLY A 111 -14.80 12.85 -7.69
N ASN A 112 -15.83 13.23 -6.96
CA ASN A 112 -16.83 12.26 -6.50
C ASN A 112 -17.72 11.78 -7.64
N ASP A 113 -18.01 12.69 -8.58
CA ASP A 113 -18.71 12.34 -9.80
C ASP A 113 -17.95 11.34 -10.66
N ALA A 114 -16.64 11.56 -10.82
CA ALA A 114 -15.74 10.66 -11.54
C ALA A 114 -15.78 9.24 -10.96
N CYS A 115 -15.85 9.14 -9.63
CA CYS A 115 -15.93 7.82 -8.97
C CYS A 115 -17.16 7.05 -9.43
N VAL A 116 -18.30 7.73 -9.44
CA VAL A 116 -19.54 7.09 -9.89
C VAL A 116 -19.44 6.65 -11.36
N ALA A 117 -18.94 7.54 -12.21
CA ALA A 117 -18.86 7.23 -13.64
C ALA A 117 -18.00 5.97 -13.86
N MET A 118 -16.86 5.90 -13.18
CA MET A 118 -15.96 4.74 -13.33
C MET A 118 -16.55 3.48 -12.69
N ALA A 119 -17.29 3.65 -11.59
CA ALA A 119 -17.90 2.50 -10.91
C ALA A 119 -18.89 1.81 -11.83
N ASP A 120 -19.76 2.58 -12.47
CA ASP A 120 -20.71 2.02 -13.43
C ASP A 120 -20.00 1.39 -14.62
N PHE A 121 -18.95 2.08 -15.11
CA PHE A 121 -18.18 1.59 -16.25
C PHE A 121 -17.51 0.24 -15.95
N ALA A 122 -16.87 0.15 -14.79
CA ALA A 122 -16.07 -1.01 -14.44
C ALA A 122 -16.89 -2.19 -13.93
N ALA A 123 -17.99 -1.91 -13.24
CA ALA A 123 -18.74 -2.95 -12.52
C ALA A 123 -20.26 -2.95 -12.71
N GLY A 124 -20.76 -2.06 -13.56
CA GLY A 124 -22.18 -2.02 -13.92
C GLY A 124 -23.06 -1.19 -13.03
N SER A 125 -22.79 -1.24 -11.72
CA SER A 125 -23.50 -0.42 -10.73
C SER A 125 -22.56 -0.05 -9.59
N GLN A 126 -22.94 1.01 -8.86
CA GLN A 126 -22.20 1.38 -7.65
C GLN A 126 -22.19 0.26 -6.61
N ASP A 127 -23.34 -0.38 -6.40
CA ASP A 127 -23.41 -1.46 -5.43
C ASP A 127 -22.46 -2.61 -5.79
N ALA A 128 -22.38 -2.96 -7.07
CA ALA A 128 -21.49 -4.07 -7.47
C ALA A 128 -20.03 -3.63 -7.24
N PHE A 129 -19.73 -2.37 -7.54
CA PHE A 129 -18.37 -1.87 -7.34
C PHE A 129 -17.96 -1.88 -5.87
N VAL A 130 -18.85 -1.42 -4.99
CA VAL A 130 -18.59 -1.48 -3.56
C VAL A 130 -18.37 -2.94 -3.09
N GLY A 131 -19.14 -3.87 -3.64
CA GLY A 131 -18.92 -5.29 -3.44
C GLY A 131 -17.47 -5.65 -3.71
N LEU A 132 -16.91 -5.16 -4.83
CA LEU A 132 -15.50 -5.42 -5.16
C LEU A 132 -14.54 -4.76 -4.17
N MET A 133 -14.83 -3.52 -3.78
CA MET A 133 -14.02 -2.85 -2.75
C MET A 133 -13.90 -3.69 -1.49
N ASN A 134 -15.03 -4.20 -1.02
CA ASN A 134 -15.05 -4.99 0.19
C ASN A 134 -14.47 -6.39 0.00
N SER A 135 -14.57 -6.92 -1.20
CA SER A 135 -13.92 -8.18 -1.50
C SER A 135 -12.41 -8.02 -1.37
N TYR A 136 -11.87 -6.91 -1.86
CA TYR A 136 -10.42 -6.64 -1.69
C TYR A 136 -10.02 -6.33 -0.24
N VAL A 137 -10.93 -5.74 0.53
CA VAL A 137 -10.71 -5.58 1.96
C VAL A 137 -10.43 -6.97 2.54
N ASN A 138 -11.28 -7.93 2.20
CA ASN A 138 -11.08 -9.30 2.70
C ASN A 138 -9.80 -9.93 2.14
N ALA A 139 -9.53 -9.73 0.86
CA ALA A 139 -8.38 -10.37 0.22
C ALA A 139 -7.06 -9.85 0.81
N LEU A 140 -7.05 -8.57 1.19
CA LEU A 140 -5.88 -7.93 1.80
C LEU A 140 -5.77 -8.17 3.32
N GLY A 141 -6.76 -8.83 3.92
CA GLY A 141 -6.72 -9.18 5.32
C GLY A 141 -6.91 -8.00 6.26
N LEU A 142 -7.60 -6.97 5.80
CA LEU A 142 -7.78 -5.77 6.60
C LEU A 142 -8.86 -6.04 7.63
N LYS A 143 -8.55 -5.74 8.89
CA LYS A 143 -9.45 -6.07 9.99
C LYS A 143 -10.35 -4.91 10.45
N ASN A 144 -10.04 -3.69 10.01
CA ASN A 144 -10.72 -2.52 10.52
C ASN A 144 -11.15 -1.57 9.40
N THR A 145 -11.63 -2.16 8.30
CA THR A 145 -12.08 -1.41 7.13
C THR A 145 -13.39 -1.94 6.55
N HIS A 146 -14.26 -1.03 6.18
CA HIS A 146 -15.49 -1.37 5.46
C HIS A 146 -15.98 -0.15 4.66
N PHE A 147 -16.41 -0.42 3.44
CA PHE A 147 -16.92 0.59 2.53
C PHE A 147 -18.41 0.42 2.24
N GLN A 148 -19.07 1.55 1.98
CA GLN A 148 -20.45 1.57 1.58
C GLN A 148 -20.72 2.26 0.25
N THR A 149 -19.87 3.23 -0.11
CA THR A 149 -20.03 3.97 -1.36
C THR A 149 -18.70 4.06 -2.08
N VAL A 150 -18.77 4.39 -3.36
CA VAL A 150 -17.60 4.40 -4.24
C VAL A 150 -16.69 5.61 -4.05
N HIS A 151 -17.21 6.61 -3.34
CA HIS A 151 -16.51 7.90 -3.15
C HIS A 151 -16.29 8.27 -1.67
N GLY A 152 -17.02 7.60 -0.77
CA GLY A 152 -16.92 7.90 0.66
C GLY A 152 -17.89 8.96 1.16
N LEU A 153 -18.71 9.50 0.25
CA LEU A 153 -19.84 10.34 0.63
C LEU A 153 -21.03 9.47 1.04
N ASP A 154 -21.89 10.00 1.91
CA ASP A 154 -23.15 9.33 2.17
C ASP A 154 -22.91 7.87 2.64
N ALA A 155 -21.99 7.72 3.60
CA ALA A 155 -21.54 6.41 4.05
C ALA A 155 -21.34 6.40 5.56
N ASP A 156 -22.46 6.46 6.31
CA ASP A 156 -22.43 6.54 7.79
C ASP A 156 -21.74 5.34 8.43
N GLY A 157 -21.75 4.20 7.74
CA GLY A 157 -21.20 2.98 8.28
C GLY A 157 -19.88 2.55 7.67
N GLN A 158 -19.24 3.44 6.91
CA GLN A 158 -17.88 3.15 6.44
C GLN A 158 -16.88 3.47 7.53
N TYR A 159 -15.72 2.83 7.45
CA TYR A 159 -14.62 3.12 8.35
C TYR A 159 -13.31 2.52 7.81
N SER A 160 -12.20 3.06 8.30
CA SER A 160 -10.90 2.42 8.12
C SER A 160 -9.98 2.81 9.29
N SER A 161 -8.71 2.55 9.14
CA SER A 161 -7.74 2.81 10.20
C SER A 161 -6.44 3.20 9.57
N ALA A 162 -5.53 3.76 10.39
CA ALA A 162 -4.22 4.15 9.86
C ALA A 162 -3.49 2.96 9.28
N ARG A 163 -3.47 1.83 10.01
CA ARG A 163 -2.82 0.63 9.51
C ARG A 163 -3.43 0.20 8.19
N ASP A 164 -4.75 0.11 8.13
CA ASP A 164 -5.40 -0.43 6.93
C ASP A 164 -5.15 0.47 5.73
N MET A 165 -5.17 1.78 5.96
CA MET A 165 -4.92 2.72 4.83
C MET A 165 -3.46 2.67 4.36
N ALA A 166 -2.53 2.50 5.29
CA ALA A 166 -1.14 2.20 4.90
C ALA A 166 -1.03 0.90 4.09
N LEU A 167 -1.79 -0.13 4.49
CA LEU A 167 -1.74 -1.40 3.77
C LEU A 167 -2.40 -1.30 2.39
N ILE A 168 -3.46 -0.51 2.27
CA ILE A 168 -4.06 -0.26 0.94
C ILE A 168 -3.04 0.47 0.05
N GLY A 169 -2.35 1.47 0.60
CA GLY A 169 -1.23 2.13 -0.08
C GLY A 169 -0.17 1.16 -0.58
N GLN A 170 0.24 0.28 0.30
CA GLN A 170 1.20 -0.75 -0.05
C GLN A 170 0.71 -1.60 -1.22
N ALA A 171 -0.55 -1.99 -1.15
CA ALA A 171 -1.18 -2.81 -2.19
C ALA A 171 -1.24 -2.05 -3.52
N LEU A 172 -1.58 -0.76 -3.50
CA LEU A 172 -1.59 0.03 -4.74
C LEU A 172 -0.23 0.00 -5.41
N ILE A 173 0.82 0.25 -4.62
CA ILE A 173 2.16 0.35 -5.15
C ILE A 173 2.65 -0.99 -5.72
N ARG A 174 2.32 -2.06 -4.99
CA ARG A 174 2.80 -3.41 -5.28
C ARG A 174 2.02 -4.07 -6.44
N ASP A 175 0.68 -3.96 -6.39
CA ASP A 175 -0.20 -4.75 -7.24
C ASP A 175 -0.59 -4.04 -8.54
N VAL A 176 -0.75 -2.71 -8.46
CA VAL A 176 -1.20 -1.93 -9.62
C VAL A 176 -0.30 -0.72 -9.87
N PRO A 177 0.99 -0.99 -10.16
CA PRO A 177 1.96 0.08 -10.30
C PRO A 177 1.62 1.13 -11.38
N ASN A 178 0.93 0.72 -12.44
CA ASN A 178 0.53 1.68 -13.47
C ASN A 178 -0.54 2.65 -12.93
N GLU A 179 -1.43 2.16 -12.09
CA GLU A 179 -2.37 3.03 -11.39
C GLU A 179 -1.62 3.93 -10.39
N TYR A 180 -0.70 3.35 -9.63
CA TYR A 180 0.02 4.12 -8.63
C TYR A 180 0.81 5.29 -9.24
N SER A 181 1.32 5.09 -10.44
CA SER A 181 2.19 6.08 -11.07
C SER A 181 1.47 7.42 -11.34
N ILE A 182 0.15 7.39 -11.35
CA ILE A 182 -0.64 8.61 -11.54
C ILE A 182 -0.56 9.59 -10.35
N TYR A 183 -0.36 9.08 -9.13
CA TYR A 183 -0.47 9.92 -7.92
C TYR A 183 0.61 11.01 -7.76
N LYS A 184 1.72 10.85 -8.45
CA LYS A 184 2.81 11.84 -8.43
C LYS A 184 2.58 13.00 -9.39
N GLU A 185 1.56 12.89 -10.25
CA GLU A 185 1.24 13.98 -11.18
C GLU A 185 0.74 15.22 -10.46
N LYS A 186 1.38 16.37 -10.72
CA LYS A 186 1.09 17.57 -9.97
C LYS A 186 -0.18 18.27 -10.48
N GLU A 187 -0.57 17.98 -11.72
CA GLU A 187 -1.73 18.59 -12.37
C GLU A 187 -2.28 17.79 -13.56
N PHE A 188 -3.56 18.00 -13.88
CA PHE A 188 -4.10 17.57 -15.18
C PHE A 188 -5.14 18.60 -15.63
N THR A 189 -5.50 18.56 -16.90
CA THR A 189 -6.46 19.55 -17.40
C THR A 189 -7.76 18.85 -17.77
N PHE A 190 -8.88 19.37 -17.26
CA PHE A 190 -10.21 18.92 -17.72
C PHE A 190 -11.17 20.07 -18.02
N ASN A 191 -11.73 20.05 -19.22
CA ASN A 191 -12.65 21.10 -19.68
C ASN A 191 -11.96 22.47 -19.53
N GLY A 192 -10.76 22.58 -20.11
CA GLY A 192 -9.99 23.83 -20.14
C GLY A 192 -9.59 24.41 -18.79
N ILE A 193 -9.69 23.58 -17.74
CA ILE A 193 -9.45 24.01 -16.38
C ILE A 193 -8.39 23.12 -15.75
N ARG A 194 -7.23 23.71 -15.42
CA ARG A 194 -6.12 22.97 -14.82
C ARG A 194 -6.41 22.69 -13.35
N GLN A 195 -6.08 21.47 -12.93
CA GLN A 195 -6.41 20.98 -11.60
C GLN A 195 -5.13 20.48 -10.96
N LEU A 196 -4.82 21.00 -9.77
CA LEU A 196 -3.61 20.61 -9.05
C LEU A 196 -3.87 19.45 -8.11
N ASN A 197 -2.78 18.88 -7.61
CA ASN A 197 -2.79 17.77 -6.66
C ASN A 197 -2.78 18.35 -5.24
N ARG A 198 -3.60 17.80 -4.33
CA ARG A 198 -3.71 18.36 -2.97
C ARG A 198 -2.63 17.85 -2.03
N ASN A 199 -1.83 16.88 -2.51
CA ASN A 199 -0.71 16.36 -1.72
C ASN A 199 0.46 17.33 -1.85
N GLY A 200 0.52 18.31 -0.96
CA GLY A 200 1.55 19.34 -0.99
C GLY A 200 2.98 18.83 -0.83
N LEU A 201 3.15 17.63 -0.29
CA LEU A 201 4.49 17.02 -0.17
C LEU A 201 5.16 16.71 -1.51
N LEU A 202 4.39 16.67 -2.59
CA LEU A 202 4.96 16.50 -3.93
C LEU A 202 5.88 17.67 -4.32
N TRP A 203 5.69 18.83 -3.69
CA TRP A 203 6.48 20.02 -3.98
C TRP A 203 7.62 20.20 -2.98
N ASP A 204 7.73 19.30 -2.00
CA ASP A 204 8.79 19.39 -1.00
C ASP A 204 10.03 18.77 -1.58
N ASN A 205 10.97 19.62 -1.98
CA ASN A 205 12.16 19.16 -2.67
C ASN A 205 13.17 18.41 -1.77
N SER A 206 12.95 18.41 -0.46
CA SER A 206 13.82 17.70 0.51
C SER A 206 13.48 16.20 0.70
N LEU A 207 12.33 15.76 0.17
CA LEU A 207 11.93 14.35 0.16
C LEU A 207 11.63 13.92 -1.27
N ASN A 208 11.51 12.61 -1.51
CA ASN A 208 11.09 12.07 -2.80
C ASN A 208 9.72 11.43 -2.60
N VAL A 209 8.73 12.28 -2.35
CA VAL A 209 7.35 11.82 -2.17
C VAL A 209 6.66 11.63 -3.51
N ASP A 210 6.00 10.47 -3.72
CA ASP A 210 5.31 10.22 -4.97
C ASP A 210 3.86 9.76 -4.81
N GLY A 211 3.30 9.94 -3.61
CA GLY A 211 1.93 9.57 -3.34
C GLY A 211 1.61 9.90 -1.89
N ILE A 212 0.40 9.62 -1.40
CA ILE A 212 -0.65 8.92 -2.15
C ILE A 212 -1.92 9.74 -2.20
N LYS A 213 -2.51 10.01 -1.03
CA LYS A 213 -3.89 10.53 -0.98
C LYS A 213 -4.12 11.37 0.27
N THR A 214 -4.86 12.45 0.09
CA THR A 214 -5.32 13.28 1.19
C THR A 214 -6.84 13.17 1.38
N GLY A 215 -7.29 13.61 2.54
CA GLY A 215 -8.73 13.70 2.77
C GLY A 215 -8.98 14.54 3.99
N HIS A 216 -10.16 15.15 4.03
CA HIS A 216 -10.56 15.94 5.16
C HIS A 216 -12.08 16.07 5.24
N THR A 217 -12.60 15.83 6.45
CA THR A 217 -13.94 16.25 6.85
C THR A 217 -13.87 16.70 8.31
N ASP A 218 -14.98 17.25 8.83
CA ASP A 218 -15.02 17.62 10.24
C ASP A 218 -14.88 16.40 11.14
N LYS A 219 -15.51 15.28 10.78
CA LYS A 219 -15.40 14.05 11.55
C LYS A 219 -14.01 13.40 11.44
N ALA A 220 -13.44 13.44 10.24
CA ALA A 220 -12.17 12.79 9.97
C ALA A 220 -11.00 13.64 10.43
N GLY A 221 -11.14 14.96 10.42
CA GLY A 221 -9.97 15.82 10.55
C GLY A 221 -9.19 15.72 9.26
N TYR A 222 -7.90 16.02 9.32
CA TYR A 222 -7.02 16.02 8.16
C TYR A 222 -6.26 14.68 8.03
N ASN A 223 -6.50 13.98 6.93
CA ASN A 223 -5.92 12.66 6.68
C ASN A 223 -4.91 12.72 5.53
N LEU A 224 -3.85 11.92 5.63
CA LEU A 224 -2.86 11.80 4.53
C LEU A 224 -2.20 10.44 4.57
N VAL A 225 -2.16 9.77 3.42
CA VAL A 225 -1.33 8.59 3.24
C VAL A 225 -0.25 9.03 2.26
N ALA A 226 1.00 8.94 2.69
CA ALA A 226 2.15 9.41 1.92
C ALA A 226 3.11 8.26 1.70
N SER A 227 3.82 8.30 0.59
CA SER A 227 4.93 7.38 0.39
C SER A 227 6.10 8.11 -0.26
N ALA A 228 7.28 7.70 0.14
CA ALA A 228 8.50 8.39 -0.26
C ALA A 228 9.60 7.36 -0.38
N THR A 229 10.61 7.69 -1.18
CA THR A 229 11.74 6.79 -1.41
C THR A 229 13.05 7.48 -1.13
N GLU A 230 14.06 6.68 -0.79
CA GLU A 230 15.42 7.18 -0.72
C GLU A 230 16.18 6.02 -1.31
N GLY A 231 16.63 6.21 -2.56
CA GLY A 231 17.09 5.12 -3.41
C GLY A 231 15.95 4.19 -3.78
N GLN A 232 16.11 2.91 -3.45
CA GLN A 232 15.08 1.91 -3.68
C GLN A 232 14.31 1.63 -2.39
N MET A 233 14.71 2.28 -1.28
CA MET A 233 14.02 2.07 0.02
C MET A 233 12.77 2.94 0.05
N ARG A 234 11.64 2.36 0.48
CA ARG A 234 10.36 3.06 0.39
C ARG A 234 9.60 2.94 1.70
N LEU A 235 9.11 4.05 2.20
CA LEU A 235 8.31 4.10 3.42
C LEU A 235 6.92 4.55 3.05
N ILE A 236 5.95 4.13 3.87
CA ILE A 236 4.57 4.60 3.76
C ILE A 236 4.14 5.08 5.13
N SER A 237 3.55 6.26 5.17
CA SER A 237 2.97 6.83 6.38
C SER A 237 1.48 7.04 6.19
N ALA A 238 0.71 6.79 7.25
CA ALA A 238 -0.68 7.16 7.28
C ALA A 238 -0.90 7.94 8.56
N VAL A 239 -1.48 9.13 8.42
CA VAL A 239 -1.81 10.02 9.54
C VAL A 239 -3.28 10.35 9.37
N MET A 240 -4.07 10.03 10.40
CA MET A 240 -5.51 10.23 10.34
C MET A 240 -5.90 11.10 11.53
N GLY A 241 -6.83 12.02 11.31
CA GLY A 241 -7.19 12.95 12.37
C GLY A 241 -6.09 13.96 12.67
N GLY A 242 -5.43 14.45 11.62
CA GLY A 242 -4.50 15.57 11.75
C GLY A 242 -5.29 16.87 11.97
N ARG A 243 -4.58 17.97 12.24
CA ARG A 243 -5.24 19.20 12.72
C ARG A 243 -5.50 20.32 11.70
N THR A 244 -4.61 20.46 10.71
CA THR A 244 -4.78 21.41 9.60
C THR A 244 -4.25 20.81 8.29
N PHE A 245 -4.48 21.53 7.18
CA PHE A 245 -3.86 21.20 5.89
C PHE A 245 -2.34 21.13 6.02
N LYS A 246 -1.77 22.14 6.68
CA LYS A 246 -0.31 22.29 6.78
C LYS A 246 0.27 21.29 7.79
N GLY A 247 -0.45 21.10 8.89
CA GLY A 247 -0.09 20.13 9.90
C GLY A 247 -0.04 18.70 9.39
N ARG A 248 -0.99 18.29 8.55
CA ARG A 248 -0.95 16.87 8.14
C ARG A 248 0.29 16.61 7.31
N GLU A 249 0.68 17.60 6.51
CA GLU A 249 1.88 17.50 5.69
C GLU A 249 3.11 17.48 6.60
N ALA A 250 3.14 18.41 7.54
CA ALA A 250 4.28 18.56 8.42
C ALA A 250 4.51 17.32 9.29
N GLU A 251 3.42 16.76 9.81
CA GLU A 251 3.50 15.59 10.68
C GLU A 251 3.92 14.36 9.86
N SER A 252 3.43 14.24 8.63
CA SER A 252 3.85 13.13 7.77
C SER A 252 5.32 13.27 7.41
N LYS A 253 5.74 14.48 7.08
CA LYS A 253 7.17 14.72 6.80
C LYS A 253 8.07 14.33 7.99
N LYS A 254 7.64 14.66 9.22
CA LYS A 254 8.37 14.27 10.44
C LYS A 254 8.58 12.76 10.49
N LEU A 255 7.51 12.02 10.25
CA LEU A 255 7.59 10.54 10.30
C LEU A 255 8.51 9.97 9.22
N LEU A 256 8.33 10.41 7.99
CA LEU A 256 9.08 9.87 6.86
C LEU A 256 10.57 10.17 7.03
N THR A 257 10.86 11.40 7.41
CA THR A 257 12.25 11.82 7.61
C THR A 257 12.93 11.03 8.76
N TRP A 258 12.22 10.87 9.86
CA TRP A 258 12.69 10.06 10.99
C TRP A 258 12.96 8.61 10.55
N GLY A 259 12.02 8.04 9.82
CA GLY A 259 12.18 6.67 9.30
C GLY A 259 13.46 6.49 8.50
N PHE A 260 13.71 7.39 7.55
CA PHE A 260 14.88 7.25 6.70
C PHE A 260 16.16 7.48 7.49
N ARG A 261 16.11 8.36 8.49
CA ARG A 261 17.32 8.71 9.26
C ARG A 261 17.80 7.53 10.12
N PHE A 262 16.85 6.79 10.70
CA PHE A 262 17.19 5.76 11.68
C PHE A 262 17.13 4.33 11.19
N PHE A 263 16.49 4.09 10.06
CA PHE A 263 16.30 2.73 9.56
C PHE A 263 16.72 2.55 8.12
N GLU A 264 17.06 1.30 7.75
CA GLU A 264 17.35 0.99 6.35
C GLU A 264 16.78 -0.37 6.00
N THR A 265 16.42 -0.55 4.75
CA THR A 265 15.90 -1.83 4.30
C THR A 265 17.02 -2.55 3.62
N VAL A 266 17.15 -3.83 3.94
CA VAL A 266 18.14 -4.70 3.31
C VAL A 266 17.45 -5.91 2.68
N ASN A 267 18.09 -6.50 1.69
CA ASN A 267 17.57 -7.67 0.96
C ASN A 267 18.63 -8.78 0.98
N PRO A 268 18.71 -9.50 2.11
CA PRO A 268 19.76 -10.50 2.25
C PRO A 268 19.59 -11.79 1.42
N LEU A 269 18.41 -12.05 0.88
CA LEU A 269 18.15 -13.30 0.13
C LEU A 269 16.98 -13.17 -0.85
N LYS A 270 17.20 -13.58 -2.12
CA LYS A 270 16.12 -13.63 -3.14
C LYS A 270 15.60 -15.05 -3.40
N VAL A 271 14.38 -15.17 -3.92
CA VAL A 271 13.76 -16.47 -4.21
C VAL A 271 14.64 -17.23 -5.18
N GLY A 272 14.88 -18.51 -4.87
CA GLY A 272 15.69 -19.38 -5.73
C GLY A 272 17.19 -19.40 -5.45
N LYS A 273 17.67 -18.45 -4.66
CA LYS A 273 19.08 -18.41 -4.31
C LYS A 273 19.33 -19.42 -3.17
N GLU A 274 20.27 -20.34 -3.37
CA GLU A 274 20.58 -21.33 -2.33
C GLU A 274 21.25 -20.69 -1.09
N PHE A 275 20.57 -20.81 0.05
CA PHE A 275 21.05 -20.35 1.36
C PHE A 275 21.81 -21.45 2.13
N ALA A 276 21.35 -22.68 1.96
CA ALA A 276 21.94 -23.83 2.66
C ALA A 276 21.68 -25.06 1.83
N SER A 277 22.39 -26.14 2.15
CA SER A 277 22.09 -27.42 1.52
C SER A 277 22.21 -28.49 2.58
N GLU A 278 21.48 -29.56 2.40
CA GLU A 278 21.43 -30.63 3.37
C GLU A 278 21.34 -31.95 2.64
N PRO A 279 21.89 -33.03 3.24
CA PRO A 279 21.72 -34.33 2.58
C PRO A 279 20.25 -34.74 2.49
N VAL A 280 19.92 -35.51 1.45
CA VAL A 280 18.57 -36.03 1.29
C VAL A 280 18.68 -37.54 1.08
N TRP A 281 17.72 -38.26 1.63
CA TRP A 281 17.66 -39.72 1.47
C TRP A 281 16.58 -40.13 0.45
N PHE A 282 16.85 -41.20 -0.30
CA PHE A 282 15.86 -41.81 -1.23
C PHE A 282 15.61 -41.02 -2.52
N GLY A 283 16.43 -40.01 -2.76
CA GLY A 283 16.17 -39.08 -3.87
C GLY A 283 16.92 -39.36 -5.15
N ASP A 284 16.50 -38.71 -6.24
CA ASP A 284 17.26 -38.70 -7.49
C ASP A 284 18.46 -37.71 -7.46
N SER A 285 18.62 -36.98 -6.35
CA SER A 285 19.85 -36.24 -6.02
C SER A 285 20.23 -36.51 -4.56
N ASP A 286 21.50 -36.29 -4.21
CA ASP A 286 22.03 -36.58 -2.85
C ASP A 286 21.87 -35.43 -1.84
N ARG A 287 21.60 -34.24 -2.34
CA ARG A 287 21.40 -33.07 -1.48
C ARG A 287 20.28 -32.17 -1.97
N ALA A 288 19.64 -31.49 -1.02
CA ALA A 288 18.57 -30.55 -1.29
C ALA A 288 19.16 -29.16 -1.23
N SER A 289 18.69 -28.30 -2.12
CA SER A 289 19.07 -26.90 -2.15
C SER A 289 17.98 -26.14 -1.41
N LEU A 290 18.35 -25.36 -0.40
CA LEU A 290 17.35 -24.74 0.50
C LEU A 290 17.47 -23.21 0.50
N GLY A 291 16.33 -22.53 0.56
CA GLY A 291 16.31 -21.05 0.60
C GLY A 291 14.92 -20.58 0.90
N VAL A 292 14.42 -19.57 0.16
CA VAL A 292 13.11 -18.99 0.45
C VAL A 292 12.22 -18.98 -0.79
N ASP A 293 10.92 -18.88 -0.58
CA ASP A 293 9.93 -18.81 -1.70
C ASP A 293 9.35 -17.40 -1.89
N LYS A 294 9.91 -16.44 -1.16
CA LYS A 294 9.55 -15.03 -1.29
C LYS A 294 10.80 -14.24 -0.93
N ASP A 295 11.15 -13.24 -1.74
CA ASP A 295 12.31 -12.39 -1.47
C ASP A 295 12.26 -11.86 -0.03
N VAL A 296 13.41 -11.89 0.64
CA VAL A 296 13.53 -11.38 2.02
C VAL A 296 13.97 -9.92 2.07
N TYR A 297 13.08 -9.09 2.62
CA TYR A 297 13.41 -7.72 2.93
C TYR A 297 13.31 -7.56 4.43
N LEU A 298 14.36 -7.04 5.06
CA LEU A 298 14.35 -6.71 6.47
C LEU A 298 14.54 -5.22 6.66
N THR A 299 13.92 -4.65 7.69
CA THR A 299 14.22 -3.28 8.10
C THR A 299 15.01 -3.33 9.39
N ILE A 300 16.20 -2.75 9.34
CA ILE A 300 17.15 -2.80 10.45
C ILE A 300 17.60 -1.38 10.79
N PRO A 301 18.22 -1.19 11.96
CA PRO A 301 18.79 0.13 12.27
C PRO A 301 19.83 0.54 11.24
N ARG A 302 19.76 1.79 10.79
CA ARG A 302 20.61 2.23 9.70
C ARG A 302 22.08 2.07 10.09
N GLY A 303 22.88 1.56 9.15
CA GLY A 303 24.31 1.38 9.37
C GLY A 303 24.72 -0.01 9.80
N ARG A 304 23.76 -0.83 10.25
CA ARG A 304 24.04 -2.14 10.90
C ARG A 304 24.05 -3.37 9.97
N MET A 305 23.98 -3.15 8.67
CA MET A 305 24.00 -4.24 7.69
C MET A 305 25.22 -5.17 7.93
N LYS A 306 26.37 -4.57 8.24
CA LYS A 306 27.61 -5.32 8.54
C LYS A 306 27.50 -6.32 9.70
N ASP A 307 26.55 -6.08 10.60
CA ASP A 307 26.41 -6.87 11.81
C ASP A 307 25.29 -7.89 11.68
N LEU A 308 24.60 -7.91 10.55
CA LEU A 308 23.49 -8.87 10.36
C LEU A 308 24.08 -10.27 10.18
N LYS A 309 23.59 -11.22 10.99
CA LYS A 309 23.98 -12.62 10.87
C LYS A 309 22.74 -13.48 10.53
N ALA A 310 22.96 -14.59 9.84
CA ALA A 310 21.85 -15.50 9.55
C ALA A 310 22.28 -16.93 9.84
N SER A 311 21.32 -17.72 10.29
CA SER A 311 21.56 -19.14 10.58
C SER A 311 20.24 -19.84 10.36
N TYR A 312 20.18 -21.15 10.57
CA TYR A 312 18.92 -21.85 10.37
C TYR A 312 18.74 -23.06 11.24
N VAL A 313 17.48 -23.44 11.37
CA VAL A 313 17.10 -24.70 12.05
C VAL A 313 16.26 -25.57 11.10
N LEU A 314 16.31 -26.88 11.33
CA LEU A 314 15.56 -27.85 10.52
C LEU A 314 14.44 -28.47 11.34
N ASN A 315 13.27 -28.62 10.72
CA ASN A 315 12.11 -29.20 11.41
C ASN A 315 12.31 -30.66 11.76
N SER A 316 12.97 -31.38 10.85
CA SER A 316 13.14 -32.82 10.97
C SER A 316 14.60 -33.23 10.96
N SER A 317 14.89 -34.35 11.61
CA SER A 317 16.26 -34.85 11.69
C SER A 317 16.83 -35.12 10.30
N GLU A 318 16.05 -35.82 9.46
CA GLU A 318 16.46 -36.22 8.11
C GLU A 318 15.48 -35.67 7.07
N LEU A 319 16.00 -35.32 5.90
CA LEU A 319 15.20 -35.04 4.71
C LEU A 319 15.03 -36.32 3.90
N HIS A 320 13.78 -36.67 3.61
CA HIS A 320 13.44 -37.85 2.81
C HIS A 320 12.71 -37.47 1.53
N ALA A 321 13.24 -37.87 0.37
CA ALA A 321 12.54 -37.69 -0.92
C ALA A 321 11.28 -38.55 -0.91
N PRO A 322 10.21 -38.11 -1.61
CA PRO A 322 10.15 -36.94 -2.49
C PRO A 322 10.03 -35.61 -1.72
N LEU A 323 10.75 -34.60 -2.20
CA LEU A 323 10.67 -33.23 -1.67
C LEU A 323 10.06 -32.36 -2.75
N GLN A 324 9.00 -31.65 -2.41
CA GLN A 324 8.33 -30.78 -3.39
C GLN A 324 9.03 -29.42 -3.42
N LYS A 325 8.91 -28.73 -4.55
CA LYS A 325 9.40 -27.36 -4.67
C LYS A 325 8.65 -26.54 -3.62
N ASN A 326 9.38 -25.68 -2.91
CA ASN A 326 8.84 -24.81 -1.85
C ASN A 326 8.31 -25.53 -0.60
N GLN A 327 8.69 -26.79 -0.45
CA GLN A 327 8.32 -27.53 0.74
C GLN A 327 9.09 -26.91 1.90
N VAL A 328 8.37 -26.58 2.97
CA VAL A 328 9.01 -25.96 4.12
C VAL A 328 9.69 -27.04 4.97
N VAL A 329 10.97 -26.83 5.26
CA VAL A 329 11.75 -27.79 6.00
C VAL A 329 12.46 -27.23 7.23
N GLY A 330 12.27 -25.94 7.50
CA GLY A 330 12.99 -25.30 8.58
C GLY A 330 12.71 -23.80 8.64
N THR A 331 13.57 -23.09 9.35
CA THR A 331 13.41 -21.66 9.56
C THR A 331 14.79 -20.99 9.47
N ILE A 332 14.84 -19.84 8.79
CA ILE A 332 16.02 -19.01 8.79
C ILE A 332 15.85 -17.96 9.85
N ASN A 333 16.86 -17.81 10.70
CA ASN A 333 16.87 -16.79 11.74
C ASN A 333 17.87 -15.71 11.33
N PHE A 334 17.42 -14.47 11.25
CA PHE A 334 18.31 -13.34 11.03
C PHE A 334 18.54 -12.65 12.39
N GLN A 335 19.80 -12.39 12.72
CA GLN A 335 20.16 -11.90 14.06
C GLN A 335 20.98 -10.62 14.02
N LEU A 336 20.79 -9.79 15.05
CA LEU A 336 21.63 -8.64 15.36
C LEU A 336 21.91 -8.66 16.86
N ASP A 337 23.17 -8.47 17.25
CA ASP A 337 23.55 -8.43 18.67
C ASP A 337 23.15 -9.69 19.40
N GLY A 338 23.28 -10.82 18.69
CA GLY A 338 23.02 -12.14 19.24
C GLY A 338 21.56 -12.42 19.57
N LYS A 339 20.64 -11.67 18.96
CA LYS A 339 19.21 -11.86 19.16
C LYS A 339 18.56 -11.96 17.79
N THR A 340 17.67 -12.94 17.62
CA THR A 340 16.92 -13.08 16.38
C THR A 340 15.95 -11.93 16.24
N ILE A 341 16.04 -11.20 15.13
CA ILE A 341 15.14 -10.06 14.87
C ILE A 341 14.06 -10.40 13.84
N GLU A 342 14.31 -11.41 13.01
CA GLU A 342 13.40 -11.81 11.95
C GLU A 342 13.58 -13.27 11.63
N GLN A 343 12.48 -13.94 11.31
CA GLN A 343 12.52 -15.34 10.89
C GLN A 343 11.77 -15.48 9.58
N ARG A 344 12.27 -16.36 8.69
CA ARG A 344 11.58 -16.66 7.44
C ARG A 344 11.65 -18.18 7.19
N PRO A 345 10.61 -18.75 6.54
CA PRO A 345 10.61 -20.19 6.27
C PRO A 345 11.75 -20.56 5.33
N LEU A 346 12.39 -21.68 5.65
CA LEU A 346 13.42 -22.28 4.83
C LEU A 346 12.77 -23.40 4.01
N VAL A 347 12.93 -23.34 2.69
CA VAL A 347 12.17 -24.20 1.81
C VAL A 347 13.08 -24.90 0.81
N VAL A 348 12.60 -26.00 0.27
CA VAL A 348 13.28 -26.73 -0.80
C VAL A 348 13.10 -25.95 -2.12
N LEU A 349 14.20 -25.66 -2.78
CA LEU A 349 14.21 -24.78 -3.95
C LEU A 349 13.91 -25.50 -5.27
N GLN A 350 14.23 -26.79 -5.31
CA GLN A 350 14.03 -27.62 -6.52
C GLN A 350 13.48 -28.94 -6.04
N GLU A 351 12.40 -29.41 -6.65
CA GLU A 351 11.79 -30.68 -6.26
C GLU A 351 12.82 -31.81 -6.40
N ILE A 352 12.79 -32.75 -5.47
CA ILE A 352 13.63 -33.94 -5.55
C ILE A 352 12.71 -35.13 -5.49
N PRO A 353 12.44 -35.76 -6.65
CA PRO A 353 11.63 -36.96 -6.59
C PRO A 353 12.43 -38.12 -6.01
N GLU A 354 11.72 -39.18 -5.68
CA GLU A 354 12.37 -40.43 -5.30
C GLU A 354 13.28 -40.91 -6.43
N GLY A 355 14.37 -41.58 -6.08
CA GLY A 355 15.40 -41.94 -7.06
C GLY A 355 14.91 -42.95 -8.09
C1 GOL B . -5.32 -9.14 -3.94
O1 GOL B . -6.06 -8.14 -3.27
C2 GOL B . -3.88 -9.05 -3.48
O2 GOL B . -3.02 -9.46 -4.53
C3 GOL B . -3.65 -9.91 -2.24
O3 GOL B . -2.26 -10.12 -2.05
C7 HJ2 C . -12.29 14.94 -0.49
C6 HJ2 C . -11.27 16.06 -0.65
S1 HJ2 C . -11.98 17.57 -1.11
C2 HJ2 C . -11.69 18.67 0.14
N5 HJ2 C . -10.60 16.26 0.63
C4 HJ2 C . -9.76 17.44 0.69
C13 HJ2 C . -8.31 17.23 1.02
O14 HJ2 C . -7.92 17.44 2.20
O15 HJ2 C . -7.55 16.85 0.12
C3 HJ2 C . -10.24 18.55 0.47
C81 HJ2 C . -9.41 19.82 0.51
C8 HJ2 C . -11.96 14.09 0.61
O9 HJ2 C . -11.89 14.19 1.84
C1 GOL D . -3.57 12.40 -5.21
O1 GOL D . -2.22 12.06 -5.11
C2 GOL D . -3.90 13.52 -4.25
O2 GOL D . -3.09 13.36 -3.10
C3 GOL D . -5.38 13.58 -3.89
O3 GOL D . -5.53 13.35 -2.51
C1 GOL E . -23.94 9.25 -6.18
O1 GOL E . -23.30 8.21 -5.50
C2 GOL E . -24.96 8.72 -7.18
O2 GOL E . -25.72 9.80 -7.61
C3 GOL E . -25.88 7.69 -6.52
O3 GOL E . -26.75 7.13 -7.48
C1 GOL F . 5.64 -4.91 -1.63
O1 GOL F . 5.41 -5.39 -0.34
C2 GOL F . 6.62 -5.77 -2.43
O2 GOL F . 6.27 -7.14 -2.34
C3 GOL F . 8.00 -5.52 -1.86
O3 GOL F . 9.03 -6.24 -2.49
#